data_3LUY
#
_entry.id   3LUY
#
_cell.length_a   99.954
_cell.length_b   59.198
_cell.length_c   63.172
_cell.angle_alpha   90.000
_cell.angle_beta   90.000
_cell.angle_gamma   90.000
#
_symmetry.space_group_name_H-M   'P 21 21 2'
#
loop_
_entity.id
_entity.type
_entity.pdbx_description
1 polymer 'Probable chorismate mutase'
2 non-polymer '3-PHENYLPYRUVIC ACID'
3 water water
#
_entity_poly.entity_id   1
_entity_poly.type   'polypeptide(L)'
_entity_poly.pdbx_seq_one_letter_code
;SNA(MSE)SARKLFYLGPQGTFTHQAAVNAAQELARFEPQGFDL(MSE)P(MSE)DDVPQILDAAQHGDGWGIVAWENNV
EGYVVPNLDALIDAKDLVGFARVGVNVEFDAYVAQGADPAEARIATAHPHGLAQCKRFIAEHRLSTQPATSNAAACRDLI
PGEIAFGPAICGELYDITRIGTAIQDYQGAATDFLVLSPRAEVARLLAKPRAEANVEYESVLTLIPLVTGPGVLANLLDV
FRDAGLN(MSE)TSFISRPIKGRTGTYSFIVTLDAAPWEERFRDALVEIAEHGDWAKTLAVYPRREHPNPPVTSW(MSE)
LPQGGVRLDDSHLPDDWQNDETVRREL(MSE)W
;
_entity_poly.pdbx_strand_id   A
#
# COMPACT_ATOMS: atom_id res chain seq x y z
N SER A 5 0.16 -28.99 -8.90
CA SER A 5 -0.80 -28.43 -7.95
C SER A 5 -1.12 -26.97 -8.24
N ALA A 6 -2.20 -26.49 -7.64
CA ALA A 6 -2.51 -25.05 -7.60
C ALA A 6 -1.32 -24.31 -6.97
N ARG A 7 -1.01 -23.13 -7.45
CA ARG A 7 0.00 -22.29 -6.80
C ARG A 7 -0.61 -21.74 -5.51
N LYS A 8 0.09 -21.91 -4.41
CA LYS A 8 -0.42 -21.41 -3.15
C LYS A 8 -0.19 -19.90 -3.09
N LEU A 9 -1.17 -19.20 -2.54
CA LEU A 9 -1.05 -17.77 -2.31
C LEU A 9 -1.42 -17.56 -0.83
N PHE A 10 -0.38 -17.27 -0.04
CA PHE A 10 -0.46 -16.99 1.37
C PHE A 10 -0.84 -15.50 1.68
N TYR A 11 -1.87 -15.32 2.47
CA TYR A 11 -2.38 -14.01 2.86
C TYR A 11 -2.71 -13.98 4.35
N LEU A 12 -2.82 -12.79 4.93
CA LEU A 12 -3.11 -12.61 6.35
C LEU A 12 -4.52 -13.04 6.60
N GLY A 13 -4.67 -14.14 7.33
CA GLY A 13 -6.02 -14.61 7.72
C GLY A 13 -6.72 -13.72 8.74
N PRO A 14 -7.96 -14.08 9.13
CA PRO A 14 -8.61 -15.31 8.71
C PRO A 14 -9.29 -15.03 7.38
N GLN A 15 -10.07 -15.98 6.90
CA GLN A 15 -10.87 -15.79 5.70
C GLN A 15 -11.84 -14.59 5.84
N GLY A 16 -11.95 -13.78 4.81
CA GLY A 16 -12.86 -12.62 4.82
C GLY A 16 -12.21 -11.25 4.98
N THR A 17 -10.90 -11.22 5.28
CA THR A 17 -10.22 -9.98 5.53
C THR A 17 -10.06 -9.25 4.20
N PHE A 18 -9.66 -7.97 4.26
CA PHE A 18 -9.30 -7.23 3.06
C PHE A 18 -8.09 -7.84 2.39
N THR A 19 -7.19 -8.43 3.16
CA THR A 19 -6.05 -9.09 2.55
C THR A 19 -6.50 -10.38 1.77
N HIS A 20 -7.52 -11.07 2.27
CA HIS A 20 -8.14 -12.18 1.55
C HIS A 20 -8.72 -11.64 0.24
N GLN A 21 -9.47 -10.54 0.28
CA GLN A 21 -9.90 -9.96 -0.96
C GLN A 21 -8.73 -9.67 -1.93
N ALA A 22 -7.60 -9.20 -1.38
CA ALA A 22 -6.43 -8.89 -2.16
C ALA A 22 -5.88 -10.13 -2.88
N ALA A 23 -5.88 -11.24 -2.15
CA ALA A 23 -5.50 -12.55 -2.71
C ALA A 23 -6.42 -12.98 -3.87
N VAL A 24 -7.74 -12.80 -3.71
CA VAL A 24 -8.67 -13.09 -4.79
C VAL A 24 -8.37 -12.24 -6.01
N ASN A 25 -8.19 -10.93 -5.81
CA ASN A 25 -7.83 -10.03 -6.89
C ASN A 25 -6.53 -10.43 -7.55
N ALA A 26 -5.55 -10.84 -6.73
CA ALA A 26 -4.22 -11.20 -7.25
C ALA A 26 -4.32 -12.44 -8.16
N ALA A 27 -5.06 -13.43 -7.69
CA ALA A 27 -5.35 -14.70 -8.42
C ALA A 27 -5.96 -14.41 -9.77
N GLN A 28 -6.87 -13.45 -9.85
CA GLN A 28 -7.40 -12.99 -11.14
C GLN A 28 -6.35 -12.32 -12.06
N GLU A 29 -5.62 -11.31 -11.57
CA GLU A 29 -4.71 -10.58 -12.45
CA GLU A 29 -4.64 -10.57 -12.43
C GLU A 29 -3.52 -11.47 -12.89
N LEU A 30 -3.19 -12.46 -12.07
CA LEU A 30 -2.02 -13.32 -12.27
C LEU A 30 -2.36 -14.73 -12.85
N ALA A 31 -3.60 -14.87 -13.31
CA ALA A 31 -4.15 -16.14 -13.77
C ALA A 31 -3.27 -16.76 -14.86
N ARG A 32 -2.71 -15.93 -15.72
CA ARG A 32 -1.94 -16.46 -16.82
C ARG A 32 -0.59 -17.08 -16.38
N PHE A 33 -0.09 -16.69 -15.20
CA PHE A 33 1.19 -17.23 -14.72
CA PHE A 33 1.19 -17.18 -14.69
C PHE A 33 0.99 -18.62 -14.17
N GLU A 34 -0.23 -18.90 -13.71
CA GLU A 34 -0.56 -20.19 -13.09
C GLU A 34 -1.90 -20.69 -13.61
N PRO A 35 -1.88 -21.31 -14.79
CA PRO A 35 -3.07 -21.80 -15.50
C PRO A 35 -3.94 -22.73 -14.67
N GLN A 36 -3.31 -23.54 -13.82
CA GLN A 36 -4.02 -24.47 -12.95
C GLN A 36 -4.66 -23.78 -11.72
N GLY A 37 -4.46 -22.47 -11.60
CA GLY A 37 -5.17 -21.64 -10.60
C GLY A 37 -4.43 -21.51 -9.29
N PHE A 38 -5.08 -20.89 -8.31
CA PHE A 38 -4.42 -20.66 -7.04
C PHE A 38 -5.14 -21.33 -5.89
N ASP A 39 -4.37 -21.70 -4.87
CA ASP A 39 -4.87 -22.15 -3.59
C ASP A 39 -4.62 -21.08 -2.52
N LEU A 40 -5.65 -20.29 -2.20
CA LEU A 40 -5.52 -19.20 -1.24
C LEU A 40 -5.47 -19.75 0.19
N PRO A 42 -4.87 -18.86 4.25
CA PRO A 42 -4.73 -17.87 5.30
C PRO A 42 -3.57 -18.26 6.22
N ASP A 44 -1.41 -16.77 10.01
CA ASP A 44 -1.71 -16.00 11.22
C ASP A 44 -1.09 -14.63 11.21
N ASP A 45 0.11 -14.52 10.64
CA ASP A 45 0.79 -13.21 10.53
C ASP A 45 1.73 -13.11 9.31
N VAL A 46 2.21 -11.90 9.09
CA VAL A 46 3.07 -11.56 7.97
C VAL A 46 4.44 -12.23 8.00
N PRO A 47 5.08 -12.35 9.18
CA PRO A 47 6.34 -13.05 9.12
C PRO A 47 6.22 -14.47 8.66
N GLN A 48 5.08 -15.13 8.92
CA GLN A 48 4.90 -16.52 8.48
C GLN A 48 4.71 -16.54 6.99
N ILE A 49 3.98 -15.56 6.47
CA ILE A 49 3.79 -15.41 5.00
C ILE A 49 5.13 -15.28 4.27
N LEU A 50 5.95 -14.34 4.71
CA LEU A 50 7.28 -14.17 4.12
C LEU A 50 8.09 -15.44 4.24
N ASP A 51 7.99 -16.12 5.37
CA ASP A 51 8.80 -17.32 5.53
C ASP A 51 8.41 -18.41 4.55
N ALA A 52 7.11 -18.66 4.41
CA ALA A 52 6.65 -19.67 3.48
C ALA A 52 6.92 -19.28 2.02
N ALA A 53 6.84 -18.01 1.71
CA ALA A 53 7.20 -17.54 0.36
C ALA A 53 8.68 -17.77 0.11
N GLN A 54 9.51 -17.41 1.09
CA GLN A 54 10.95 -17.46 0.91
C GLN A 54 11.49 -18.87 0.91
N HIS A 55 10.76 -19.80 1.55
CA HIS A 55 11.10 -21.21 1.51
C HIS A 55 10.76 -21.80 0.14
N GLY A 56 9.92 -21.12 -0.63
CA GLY A 56 9.52 -21.58 -1.95
C GLY A 56 8.22 -22.38 -1.99
N ASP A 57 7.41 -22.34 -0.93
CA ASP A 57 6.11 -23.04 -0.92
C ASP A 57 5.03 -22.38 -1.80
N GLY A 58 5.26 -21.15 -2.23
CA GLY A 58 4.21 -20.41 -2.89
C GLY A 58 4.50 -18.93 -2.81
N TRP A 59 3.51 -18.11 -3.19
CA TRP A 59 3.62 -16.68 -3.15
C TRP A 59 2.96 -16.08 -1.92
N GLY A 60 3.50 -14.95 -1.49
CA GLY A 60 2.90 -14.20 -0.42
C GLY A 60 2.26 -12.95 -0.93
N ILE A 61 1.18 -12.55 -0.25
CA ILE A 61 0.63 -11.23 -0.48
C ILE A 61 0.47 -10.48 0.83
N VAL A 62 1.00 -9.25 0.85
CA VAL A 62 1.09 -8.40 2.05
C VAL A 62 0.67 -7.01 1.74
N ALA A 63 -0.06 -6.41 2.68
CA ALA A 63 -0.50 -5.03 2.62
C ALA A 63 0.77 -4.15 2.56
N TRP A 64 0.69 -3.13 1.73
CA TRP A 64 1.88 -2.32 1.39
C TRP A 64 1.64 -0.88 1.75
N GLU A 65 0.62 -0.26 1.16
CA GLU A 65 0.32 1.14 1.39
C GLU A 65 -1.13 1.41 1.29
N ASN A 66 -1.64 2.21 2.20
CA ASN A 66 -3.03 2.70 2.15
C ASN A 66 -2.93 4.19 1.95
N ASN A 67 -3.83 4.75 1.15
CA ASN A 67 -3.75 6.18 0.87
C ASN A 67 -4.10 7.14 2.02
N VAL A 68 -4.90 6.67 2.98
CA VAL A 68 -5.29 7.42 4.17
C VAL A 68 -4.36 7.15 5.31
N GLU A 69 -3.85 5.92 5.46
CA GLU A 69 -3.06 5.50 6.60
CA GLU A 69 -3.05 5.52 6.62
C GLU A 69 -1.56 5.37 6.34
N GLY A 70 -1.14 5.52 5.08
CA GLY A 70 0.28 5.35 4.71
C GLY A 70 0.76 3.91 4.56
N TYR A 71 2.09 3.79 4.57
CA TYR A 71 2.69 2.52 4.45
C TYR A 71 2.39 1.67 5.64
N VAL A 72 2.30 0.38 5.37
CA VAL A 72 2.34 -0.58 6.46
C VAL A 72 3.79 -0.84 6.80
N VAL A 73 4.28 -0.04 7.70
CA VAL A 73 5.70 0.01 7.98
C VAL A 73 6.37 -1.25 8.40
N PRO A 74 5.72 -2.06 9.27
CA PRO A 74 6.33 -3.37 9.54
C PRO A 74 6.51 -4.26 8.33
N ASN A 75 5.60 -4.16 7.36
CA ASN A 75 5.69 -4.95 6.10
C ASN A 75 6.79 -4.46 5.20
N LEU A 76 6.84 -3.14 5.02
CA LEU A 76 7.97 -2.48 4.39
C LEU A 76 9.29 -2.90 5.00
N ASP A 77 9.43 -2.75 6.31
CA ASP A 77 10.70 -3.13 6.97
C ASP A 77 11.03 -4.63 6.80
N ALA A 78 10.02 -5.48 6.87
CA ALA A 78 10.25 -6.87 6.73
C ALA A 78 10.77 -7.18 5.32
N LEU A 79 10.27 -6.48 4.29
CA LEU A 79 10.65 -6.81 2.89
C LEU A 79 12.09 -6.31 2.67
N ILE A 80 12.37 -5.13 3.22
CA ILE A 80 13.69 -4.60 3.18
C ILE A 80 14.75 -5.58 3.66
N ASP A 81 14.42 -6.29 4.72
CA ASP A 81 15.37 -7.20 5.35
C ASP A 81 15.19 -8.66 4.90
N ALA A 82 14.31 -8.96 3.96
CA ALA A 82 14.17 -10.36 3.54
C ALA A 82 15.46 -10.81 2.85
N LYS A 83 15.77 -12.08 2.96
CA LYS A 83 16.96 -12.64 2.30
CA LYS A 83 16.95 -12.67 2.30
C LYS A 83 16.71 -12.95 0.79
N ASP A 84 15.49 -13.35 0.43
CA ASP A 84 15.18 -13.71 -0.96
C ASP A 84 13.72 -13.57 -1.30
N LEU A 85 13.24 -12.32 -1.30
CA LEU A 85 11.89 -12.03 -1.82
C LEU A 85 11.87 -10.71 -2.58
N VAL A 86 11.03 -10.65 -3.59
CA VAL A 86 10.81 -9.45 -4.34
C VAL A 86 9.38 -9.43 -4.79
N GLY A 87 8.83 -8.26 -4.82
CA GLY A 87 7.53 -8.05 -5.27
C GLY A 87 7.43 -8.02 -6.77
N PHE A 88 6.35 -8.60 -7.30
CA PHE A 88 6.20 -8.55 -8.73
C PHE A 88 4.81 -8.21 -9.23
N ALA A 89 3.86 -7.94 -8.33
CA ALA A 89 2.53 -7.49 -8.71
C ALA A 89 2.06 -6.60 -7.57
N ARG A 90 1.29 -5.59 -7.93
CA ARG A 90 0.73 -4.67 -6.94
C ARG A 90 -0.77 -4.57 -7.20
N VAL A 91 -1.57 -4.99 -6.22
CA VAL A 91 -3.01 -5.08 -6.41
C VAL A 91 -3.72 -4.23 -5.38
N GLY A 92 -4.79 -3.59 -5.80
CA GLY A 92 -5.54 -2.73 -4.93
C GLY A 92 -6.84 -3.34 -4.41
N VAL A 93 -7.19 -2.94 -3.19
CA VAL A 93 -8.51 -3.24 -2.65
C VAL A 93 -9.11 -1.97 -2.05
N ASN A 94 -10.26 -1.53 -2.61
CA ASN A 94 -11.03 -0.46 -2.01
C ASN A 94 -11.45 -0.84 -0.59
N VAL A 95 -11.26 0.07 0.36
CA VAL A 95 -11.70 -0.17 1.75
C VAL A 95 -13.19 0.24 1.77
N GLU A 96 -14.07 -0.76 1.63
CA GLU A 96 -15.52 -0.57 1.76
C GLU A 96 -15.99 -1.59 2.76
N PHE A 97 -16.80 -1.16 3.71
CA PHE A 97 -17.45 -2.10 4.63
C PHE A 97 -18.96 -2.27 4.27
N ASP A 98 -19.40 -3.52 4.27
CA ASP A 98 -20.77 -3.91 4.22
C ASP A 98 -21.22 -4.24 5.62
N ALA A 99 -22.51 -4.12 5.77
CA ALA A 99 -23.19 -4.47 6.97
C ALA A 99 -23.97 -5.78 6.77
N TYR A 100 -23.89 -6.65 7.79
CA TYR A 100 -24.42 -7.99 7.70
C TYR A 100 -25.19 -8.38 8.97
N VAL A 101 -26.18 -9.25 8.79
CA VAL A 101 -26.86 -9.96 9.87
C VAL A 101 -26.74 -11.46 9.66
N ALA A 102 -26.78 -12.18 10.77
CA ALA A 102 -26.92 -13.63 10.73
C ALA A 102 -28.11 -13.93 9.85
N GLN A 103 -27.97 -14.97 9.00
CA GLN A 103 -29.03 -15.35 8.08
C GLN A 103 -30.25 -15.63 8.90
N GLY A 104 -31.41 -15.20 8.43
CA GLY A 104 -32.66 -15.29 9.16
C GLY A 104 -32.92 -14.23 10.23
N ALA A 105 -31.91 -13.52 10.71
CA ALA A 105 -32.14 -12.54 11.78
C ALA A 105 -32.77 -11.24 11.22
N ASP A 106 -33.64 -10.59 12.00
CA ASP A 106 -34.32 -9.39 11.52
C ASP A 106 -33.49 -8.16 11.92
N PRO A 107 -33.12 -7.30 10.94
CA PRO A 107 -32.32 -6.07 11.16
C PRO A 107 -32.87 -5.03 12.16
N ALA A 108 -34.20 -4.90 12.26
CA ALA A 108 -34.85 -4.06 13.28
C ALA A 108 -34.53 -4.49 14.70
N GLU A 109 -34.14 -5.74 14.88
CA GLU A 109 -33.92 -6.25 16.21
C GLU A 109 -32.43 -6.20 16.55
N ALA A 110 -31.58 -5.75 15.63
CA ALA A 110 -30.16 -5.60 15.94
C ALA A 110 -29.91 -4.40 16.83
N ARG A 111 -29.22 -4.62 17.94
CA ARG A 111 -28.95 -3.60 18.94
C ARG A 111 -27.43 -3.37 19.10
N ILE A 112 -26.63 -4.23 18.48
CA ILE A 112 -25.18 -4.24 18.66
C ILE A 112 -24.47 -4.23 17.32
N ALA A 113 -23.47 -3.38 17.14
CA ALA A 113 -22.55 -3.44 16.02
C ALA A 113 -21.22 -4.07 16.46
N THR A 114 -20.75 -5.01 15.66
CA THR A 114 -19.51 -5.75 15.93
CA THR A 114 -19.50 -5.72 15.93
C THR A 114 -18.55 -5.60 14.76
N ALA A 115 -17.28 -5.32 15.06
CA ALA A 115 -16.21 -5.21 14.10
C ALA A 115 -14.88 -5.00 14.89
N HIS A 116 -13.76 -5.08 14.25
CA HIS A 116 -12.53 -4.62 14.85
C HIS A 116 -12.78 -3.13 15.22
N PRO A 117 -12.20 -2.64 16.32
CA PRO A 117 -12.42 -1.22 16.69
C PRO A 117 -12.11 -0.22 15.55
N HIS A 118 -11.13 -0.54 14.73
CA HIS A 118 -10.83 0.36 13.63
C HIS A 118 -12.04 0.34 12.63
N GLY A 119 -12.77 -0.78 12.57
CA GLY A 119 -13.93 -0.88 11.65
C GLY A 119 -15.12 -0.11 12.19
N LEU A 120 -15.34 -0.21 13.50
CA LEU A 120 -16.40 0.57 14.13
CA LEU A 120 -16.39 0.57 14.18
C LEU A 120 -16.13 2.08 13.98
N ALA A 121 -14.85 2.46 14.09
CA ALA A 121 -14.43 3.85 13.93
C ALA A 121 -14.73 4.35 12.50
N GLN A 122 -14.64 3.46 11.50
CA GLN A 122 -14.93 3.85 10.11
C GLN A 122 -16.42 3.80 9.76
N CYS A 123 -17.23 3.21 10.62
CA CYS A 123 -18.68 3.10 10.42
C CYS A 123 -19.49 3.80 11.54
N LYS A 124 -19.05 4.98 11.96
CA LYS A 124 -19.74 5.70 13.03
C LYS A 124 -21.16 6.09 12.65
N ARG A 125 -21.35 6.63 11.45
CA ARG A 125 -22.68 7.13 11.07
C ARG A 125 -23.74 6.07 11.07
N PHE A 126 -23.38 4.92 10.51
CA PHE A 126 -24.25 3.78 10.48
C PHE A 126 -24.63 3.35 11.89
N ILE A 127 -23.65 3.32 12.77
CA ILE A 127 -23.88 2.91 14.15
C ILE A 127 -24.85 3.93 14.81
N ALA A 128 -24.56 5.22 14.61
CA ALA A 128 -25.48 6.32 14.98
C ALA A 128 -26.87 6.10 14.40
N GLU A 129 -27.02 6.19 13.09
CA GLU A 129 -28.32 6.11 12.46
CA GLU A 129 -28.32 6.06 12.41
C GLU A 129 -29.15 4.86 12.91
N HIS A 130 -28.49 3.79 13.35
CA HIS A 130 -29.21 2.56 13.77
C HIS A 130 -29.30 2.33 15.29
N ARG A 131 -28.86 3.29 16.08
CA ARG A 131 -28.91 3.20 17.56
C ARG A 131 -28.27 1.94 18.08
N LEU A 132 -27.05 1.67 17.62
CA LEU A 132 -26.36 0.48 18.04
C LEU A 132 -25.34 0.82 19.12
N SER A 133 -25.20 -0.06 20.10
CA SER A 133 -24.02 -0.05 20.98
C SER A 133 -22.89 -0.65 20.15
N THR A 134 -21.68 -0.75 20.69
CA THR A 134 -20.59 -1.38 19.95
C THR A 134 -19.98 -2.50 20.79
N GLN A 135 -19.60 -3.58 20.12
CA GLN A 135 -18.80 -4.68 20.68
C GLN A 135 -17.59 -4.93 19.78
N PRO A 136 -16.39 -4.98 20.38
CA PRO A 136 -15.20 -5.19 19.61
C PRO A 136 -15.00 -6.67 19.23
N ALA A 137 -14.34 -6.85 18.11
CA ALA A 137 -13.97 -8.16 17.60
C ALA A 137 -12.50 -8.13 17.27
N THR A 138 -11.88 -9.31 17.20
CA THR A 138 -10.47 -9.37 16.81
C THR A 138 -10.16 -8.88 15.40
N SER A 139 -11.10 -9.05 14.48
CA SER A 139 -10.99 -8.51 13.13
C SER A 139 -12.43 -8.29 12.63
N ASN A 140 -12.57 -7.46 11.62
CA ASN A 140 -13.84 -7.29 10.97
C ASN A 140 -14.32 -8.63 10.48
N ALA A 141 -13.48 -9.32 9.74
CA ALA A 141 -13.79 -10.69 9.32
C ALA A 141 -14.31 -11.65 10.41
N ALA A 142 -13.70 -11.60 11.59
CA ALA A 142 -14.08 -12.49 12.69
C ALA A 142 -15.48 -12.10 13.14
N ALA A 143 -15.76 -10.80 13.11
CA ALA A 143 -17.09 -10.30 13.43
C ALA A 143 -18.15 -10.93 12.49
N CYS A 144 -17.86 -10.93 11.19
CA CYS A 144 -18.85 -11.46 10.18
C CYS A 144 -18.97 -12.98 10.36
N ARG A 145 -17.82 -13.67 10.58
CA ARG A 145 -17.84 -15.15 10.91
C ARG A 145 -18.74 -15.50 12.11
N ASP A 146 -18.64 -14.68 13.16
CA ASP A 146 -19.21 -15.04 14.44
C ASP A 146 -20.63 -14.44 14.65
N LEU A 147 -21.20 -13.85 13.56
CA LEU A 147 -22.51 -13.20 13.64
C LEU A 147 -23.55 -14.12 14.28
N ILE A 148 -24.37 -13.52 15.13
CA ILE A 148 -25.56 -14.16 15.70
C ILE A 148 -26.67 -13.12 15.65
N PRO A 149 -27.93 -13.54 15.79
CA PRO A 149 -28.95 -12.52 15.86
C PRO A 149 -28.71 -11.42 16.91
N GLY A 150 -29.24 -10.24 16.59
CA GLY A 150 -29.28 -9.07 17.47
C GLY A 150 -28.04 -8.23 17.24
N GLU A 151 -27.18 -8.71 16.32
CA GLU A 151 -25.97 -8.01 15.89
C GLU A 151 -26.00 -7.64 14.40
N ILE A 152 -25.26 -6.57 14.09
CA ILE A 152 -24.88 -6.24 12.77
C ILE A 152 -23.32 -6.20 12.67
N ALA A 153 -22.72 -7.00 11.76
CA ALA A 153 -21.25 -6.92 11.58
C ALA A 153 -20.91 -6.09 10.41
N PHE A 154 -19.73 -5.48 10.49
CA PHE A 154 -19.19 -4.64 9.44
C PHE A 154 -17.97 -5.38 8.90
N GLY A 155 -17.95 -5.62 7.62
CA GLY A 155 -16.78 -6.26 7.04
C GLY A 155 -16.72 -6.07 5.55
N PRO A 156 -15.64 -6.59 4.96
CA PRO A 156 -15.38 -6.61 3.54
C PRO A 156 -16.50 -7.33 2.78
N ALA A 157 -16.60 -6.99 1.49
CA ALA A 157 -17.63 -7.56 0.59
C ALA A 157 -17.50 -9.05 0.58
N ILE A 158 -16.26 -9.51 0.62
CA ILE A 158 -15.98 -10.96 0.55
C ILE A 158 -16.60 -11.82 1.67
N CYS A 159 -16.83 -11.23 2.84
CA CYS A 159 -17.46 -11.97 3.89
C CYS A 159 -18.80 -12.53 3.47
N GLY A 160 -19.54 -11.78 2.66
CA GLY A 160 -20.86 -12.23 2.20
C GLY A 160 -20.83 -13.43 1.30
N GLU A 161 -19.67 -13.74 0.77
CA GLU A 161 -19.46 -14.89 -0.04
C GLU A 161 -19.10 -16.13 0.81
N LEU A 162 -18.43 -15.93 1.92
CA LEU A 162 -17.76 -16.99 2.69
C LEU A 162 -18.57 -17.58 3.83
N TYR A 163 -19.49 -16.79 4.38
CA TYR A 163 -20.28 -17.18 5.56
C TYR A 163 -21.77 -17.09 5.29
N ASP A 164 -22.56 -17.85 6.02
CA ASP A 164 -24.00 -17.85 5.85
C ASP A 164 -24.62 -16.62 6.51
N ILE A 165 -24.39 -15.47 5.92
CA ILE A 165 -24.77 -14.18 6.51
C ILE A 165 -25.50 -13.40 5.41
N THR A 166 -26.30 -12.42 5.80
CA THR A 166 -27.19 -11.70 4.91
C THR A 166 -26.74 -10.25 4.91
N ARG A 167 -26.34 -9.79 3.74
CA ARG A 167 -25.94 -8.38 3.57
C ARG A 167 -27.18 -7.52 3.62
N ILE A 168 -27.14 -6.48 4.43
CA ILE A 168 -28.21 -5.51 4.57
C ILE A 168 -27.74 -4.08 4.19
N GLY A 169 -26.45 -3.88 3.98
CA GLY A 169 -25.91 -2.54 3.68
C GLY A 169 -24.63 -2.71 2.92
N THR A 170 -24.41 -1.82 1.95
CA THR A 170 -23.32 -1.93 1.03
C THR A 170 -22.48 -0.67 1.13
N ALA A 171 -21.18 -0.82 1.38
CA ALA A 171 -20.25 0.29 1.40
C ALA A 171 -20.77 1.37 2.28
N ILE A 172 -20.98 1.05 3.55
CA ILE A 172 -21.74 1.94 4.42
C ILE A 172 -20.80 2.76 5.29
N GLN A 173 -19.49 2.71 5.02
CA GLN A 173 -18.47 3.32 5.94
C GLN A 173 -18.53 4.84 5.80
N ASP A 174 -17.95 5.59 6.73
CA ASP A 174 -18.06 7.06 6.68
C ASP A 174 -17.29 7.64 5.50
N TYR A 175 -16.07 7.17 5.31
CA TYR A 175 -15.13 7.77 4.39
C TYR A 175 -15.24 7.13 3.00
N GLN A 176 -15.38 7.94 1.95
CA GLN A 176 -15.35 7.44 0.58
C GLN A 176 -13.93 7.52 0.07
N GLY A 177 -13.46 6.46 -0.57
CA GLY A 177 -12.26 6.56 -1.35
C GLY A 177 -10.97 6.13 -0.72
N ALA A 178 -11.02 5.35 0.36
CA ALA A 178 -9.78 4.79 0.90
C ALA A 178 -9.48 3.46 0.20
N ALA A 179 -8.20 3.17 -0.01
CA ALA A 179 -7.77 1.95 -0.71
C ALA A 179 -6.41 1.57 -0.23
N THR A 180 -6.19 0.26 -0.17
CA THR A 180 -4.93 -0.31 0.21
C THR A 180 -4.37 -1.06 -0.97
N ASP A 181 -3.06 -0.87 -1.19
CA ASP A 181 -2.36 -1.63 -2.20
C ASP A 181 -1.55 -2.70 -1.50
N PHE A 182 -1.39 -3.81 -2.16
CA PHE A 182 -0.76 -5.00 -1.60
C PHE A 182 0.31 -5.43 -2.61
N LEU A 183 1.41 -6.00 -2.15
CA LEU A 183 2.42 -6.56 -3.06
C LEU A 183 2.37 -8.10 -3.03
N VAL A 184 2.56 -8.72 -4.18
CA VAL A 184 2.73 -10.19 -4.28
C VAL A 184 4.24 -10.48 -4.35
N LEU A 185 4.72 -11.42 -3.55
CA LEU A 185 6.11 -11.67 -3.30
C LEU A 185 6.52 -13.08 -3.68
N SER A 186 7.72 -13.22 -4.24
CA SER A 186 8.23 -14.50 -4.62
C SER A 186 9.75 -14.43 -4.59
N PRO A 187 10.42 -15.59 -4.55
CA PRO A 187 11.89 -15.59 -4.60
C PRO A 187 12.36 -14.91 -5.87
N ARG A 188 13.57 -14.36 -5.82
CA ARG A 188 14.03 -13.47 -6.91
C ARG A 188 14.30 -14.22 -8.23
N ALA A 189 14.93 -15.39 -8.18
CA ALA A 189 15.24 -16.12 -9.43
C ALA A 189 13.93 -16.43 -10.19
N GLU A 190 12.90 -16.83 -9.46
CA GLU A 190 11.59 -17.10 -10.05
C GLU A 190 11.03 -15.84 -10.76
N VAL A 191 11.07 -14.70 -10.08
CA VAL A 191 10.60 -13.43 -10.67
C VAL A 191 11.43 -13.04 -11.89
N ALA A 192 12.76 -13.10 -11.78
CA ALA A 192 13.59 -12.80 -12.96
C ALA A 192 13.14 -13.60 -14.20
N ARG A 193 12.86 -14.89 -13.99
CA ARG A 193 12.39 -15.71 -15.08
C ARG A 193 11.05 -15.19 -15.60
N LEU A 194 10.16 -14.83 -14.67
CA LEU A 194 8.83 -14.37 -15.04
C LEU A 194 8.94 -13.09 -15.86
N LEU A 195 10.02 -12.34 -15.64
CA LEU A 195 10.22 -11.01 -16.28
C LEU A 195 11.11 -11.08 -17.49
N ALA A 196 11.39 -12.31 -17.98
CA ALA A 196 12.35 -12.47 -19.07
C ALA A 196 11.90 -11.76 -20.36
N LYS A 197 10.63 -11.90 -20.70
CA LYS A 197 10.12 -11.29 -21.90
C LYS A 197 10.24 -9.73 -21.82
N PRO A 198 9.63 -9.08 -20.80
CA PRO A 198 9.72 -7.61 -20.83
C PRO A 198 11.13 -7.08 -20.68
N ARG A 199 11.95 -7.74 -19.88
CA ARG A 199 13.35 -7.42 -19.79
C ARG A 199 13.98 -7.51 -21.17
N ALA A 200 13.69 -8.59 -21.92
CA ALA A 200 14.23 -8.76 -23.26
C ALA A 200 13.70 -7.71 -24.22
N GLU A 201 12.42 -7.37 -24.11
CA GLU A 201 11.85 -6.37 -24.99
C GLU A 201 12.16 -4.93 -24.57
N ALA A 202 13.03 -4.77 -23.57
CA ALA A 202 13.22 -3.50 -22.83
C ALA A 202 11.90 -2.73 -22.66
N ASN A 203 10.98 -3.37 -21.91
CA ASN A 203 9.63 -2.85 -21.72
C ASN A 203 9.73 -1.70 -20.76
N VAL A 204 9.15 -0.56 -21.12
CA VAL A 204 9.25 0.64 -20.29
C VAL A 204 8.04 0.79 -19.37
N GLU A 205 7.08 -0.12 -19.47
CA GLU A 205 5.85 0.07 -18.74
C GLU A 205 5.85 -0.57 -17.32
N TYR A 206 6.95 -0.43 -16.62
CA TYR A 206 7.11 -1.00 -15.25
C TYR A 206 7.45 0.10 -14.22
N GLU A 207 7.19 -0.22 -12.94
CA GLU A 207 7.51 0.59 -11.80
C GLU A 207 8.39 -0.23 -10.91
N SER A 208 9.28 0.43 -10.19
CA SER A 208 10.16 -0.27 -9.24
C SER A 208 10.09 0.39 -7.86
N VAL A 209 10.28 -0.41 -6.84
CA VAL A 209 10.48 0.13 -5.51
C VAL A 209 11.90 -0.20 -5.10
N LEU A 210 12.61 0.83 -4.63
CA LEU A 210 14.01 0.73 -4.33
C LEU A 210 14.35 1.28 -2.97
N THR A 211 15.20 0.57 -2.23
CA THR A 211 15.79 1.10 -1.00
C THR A 211 17.25 1.44 -1.19
N LEU A 212 17.61 2.64 -0.73
CA LEU A 212 18.92 3.19 -0.87
C LEU A 212 19.42 3.62 0.52
N ILE A 213 20.67 3.30 0.83
CA ILE A 213 21.34 3.75 2.04
C ILE A 213 22.70 4.37 1.71
N PRO A 214 22.76 5.69 1.46
CA PRO A 214 24.04 6.39 1.40
C PRO A 214 24.77 6.26 2.71
N LEU A 215 26.06 5.96 2.61
CA LEU A 215 26.81 5.68 3.84
C LEU A 215 27.57 6.93 4.25
N VAL A 216 26.85 8.04 4.33
CA VAL A 216 27.34 9.34 4.71
C VAL A 216 26.18 10.05 5.47
N THR A 217 26.50 11.02 6.29
CA THR A 217 25.51 11.67 7.11
C THR A 217 25.60 13.18 6.92
N GLY A 218 24.57 13.88 7.28
CA GLY A 218 24.66 15.35 7.34
C GLY A 218 23.90 15.97 6.19
N PRO A 219 23.93 17.31 6.10
CA PRO A 219 23.21 18.03 5.05
C PRO A 219 23.71 17.67 3.65
N GLY A 220 22.77 17.60 2.71
CA GLY A 220 23.16 17.33 1.36
C GLY A 220 23.11 15.89 0.92
N VAL A 221 23.01 14.92 1.83
CA VAL A 221 23.10 13.53 1.45
C VAL A 221 21.95 13.11 0.59
N LEU A 222 20.72 13.50 0.94
CA LEU A 222 19.61 13.08 0.13
C LEU A 222 19.52 13.88 -1.17
N ALA A 223 19.77 15.18 -1.10
CA ALA A 223 19.81 15.98 -2.31
C ALA A 223 20.80 15.38 -3.36
N ASN A 224 21.97 14.97 -2.91
CA ASN A 224 22.97 14.44 -3.84
C ASN A 224 22.48 13.16 -4.46
N LEU A 225 21.78 12.37 -3.67
CA LEU A 225 21.20 11.15 -4.16
C LEU A 225 20.11 11.45 -5.18
N LEU A 226 19.14 12.26 -4.81
CA LEU A 226 18.01 12.48 -5.70
C LEU A 226 18.41 13.24 -7.00
N ASP A 227 19.52 13.93 -6.97
CA ASP A 227 20.01 14.69 -8.21
C ASP A 227 20.28 13.64 -9.28
N VAL A 228 20.74 12.44 -8.83
CA VAL A 228 21.01 11.32 -9.73
C VAL A 228 19.76 10.91 -10.51
N PHE A 229 18.62 10.83 -9.84
CA PHE A 229 17.36 10.51 -10.50
C PHE A 229 16.87 11.60 -11.38
N ARG A 230 16.97 12.84 -10.94
CA ARG A 230 16.72 13.98 -11.82
C ARG A 230 17.49 13.91 -13.14
N ASP A 231 18.79 13.71 -13.05
CA ASP A 231 19.67 13.85 -14.21
C ASP A 231 19.46 12.69 -15.17
N ALA A 232 18.95 11.58 -14.64
CA ALA A 232 18.55 10.43 -15.43
C ALA A 232 17.09 10.44 -15.93
N GLY A 233 16.35 11.50 -15.66
CA GLY A 233 14.96 11.60 -16.13
C GLY A 233 14.06 10.53 -15.47
N LEU A 234 14.33 10.13 -14.25
CA LEU A 234 13.48 9.13 -13.57
C LEU A 234 12.46 9.79 -12.67
N ASN A 235 11.19 9.59 -12.96
CA ASN A 235 10.12 10.18 -12.19
C ASN A 235 9.77 9.32 -10.96
N THR A 237 7.13 8.61 -7.62
CA THR A 237 5.77 8.78 -7.15
C THR A 237 5.57 8.58 -5.65
N SER A 238 6.57 8.09 -4.96
CA SER A 238 6.49 7.99 -3.52
C SER A 238 7.87 7.97 -2.94
N PHE A 239 8.02 8.57 -1.79
CA PHE A 239 9.30 8.66 -1.11
CA PHE A 239 9.32 8.63 -1.13
C PHE A 239 9.11 8.70 0.40
N ILE A 240 9.88 7.89 1.11
CA ILE A 240 9.90 7.92 2.56
CA ILE A 240 9.84 7.84 2.56
C ILE A 240 11.27 7.60 3.09
N SER A 241 11.63 8.27 4.19
CA SER A 241 12.83 7.91 4.94
C SER A 241 12.45 6.93 6.07
N ARG A 242 13.33 6.02 6.40
CA ARG A 242 13.12 5.07 7.48
C ARG A 242 14.46 4.88 8.24
N PRO A 243 14.45 4.56 9.57
CA PRO A 243 15.63 4.01 10.20
C PRO A 243 16.06 2.66 9.60
N ILE A 244 17.31 2.27 9.73
CA ILE A 244 17.79 0.97 9.19
C ILE A 244 17.65 0.01 10.33
N LYS A 245 16.58 -0.77 10.31
CA LYS A 245 16.39 -1.88 11.23
C LYS A 245 16.05 -1.35 12.61
N GLY A 246 15.12 -0.40 12.66
CA GLY A 246 14.77 0.28 13.89
C GLY A 246 15.82 1.17 14.56
N ARG A 247 17.08 1.19 14.10
CA ARG A 247 18.12 1.95 14.77
C ARG A 247 18.00 3.47 14.57
N THR A 248 17.64 4.20 15.65
CA THR A 248 17.40 5.65 15.51
C THR A 248 18.71 6.36 15.24
N GLY A 249 18.64 7.29 14.30
CA GLY A 249 19.84 7.99 13.88
C GLY A 249 20.52 7.32 12.70
N THR A 250 19.95 6.24 12.18
CA THR A 250 20.41 5.70 10.93
C THR A 250 19.38 6.06 9.83
N TYR A 251 19.77 6.08 8.57
CA TYR A 251 18.81 6.55 7.55
C TYR A 251 18.87 5.74 6.27
N SER A 252 17.71 5.24 5.82
CA SER A 252 17.53 4.62 4.52
C SER A 252 16.41 5.36 3.80
N PHE A 253 16.32 5.19 2.50
CA PHE A 253 15.30 5.86 1.74
C PHE A 253 14.64 4.89 0.84
N ILE A 254 13.31 4.93 0.78
CA ILE A 254 12.56 4.04 -0.06
C ILE A 254 11.83 4.86 -1.09
N VAL A 255 12.16 4.61 -2.34
CA VAL A 255 11.59 5.30 -3.46
C VAL A 255 10.79 4.38 -4.36
N THR A 256 9.67 4.88 -4.88
CA THR A 256 8.87 4.22 -5.91
C THR A 256 8.93 5.07 -7.16
N LEU A 257 9.41 4.43 -8.25
CA LEU A 257 9.63 5.16 -9.50
CA LEU A 257 9.77 5.05 -9.53
C LEU A 257 9.06 4.52 -10.75
N ASP A 258 8.79 5.41 -11.71
CA ASP A 258 8.24 5.05 -12.99
C ASP A 258 9.37 4.60 -13.98
N ALA A 259 9.99 3.47 -13.66
CA ALA A 259 10.97 2.81 -14.53
C ALA A 259 11.17 1.36 -14.06
N ALA A 260 11.64 0.53 -14.98
CA ALA A 260 12.16 -0.83 -14.71
C ALA A 260 13.68 -0.79 -14.61
N PRO A 261 14.24 -1.63 -13.72
CA PRO A 261 15.67 -1.56 -13.53
C PRO A 261 16.52 -1.93 -14.73
N TRP A 262 15.94 -2.62 -15.72
CA TRP A 262 16.61 -2.90 -16.97
C TRP A 262 16.66 -1.71 -17.90
N GLU A 263 15.88 -0.65 -17.66
CA GLU A 263 15.97 0.50 -18.56
C GLU A 263 17.36 1.13 -18.48
N GLU A 264 17.89 1.59 -19.61
CA GLU A 264 19.25 2.13 -19.57
CA GLU A 264 19.24 2.22 -19.66
C GLU A 264 19.40 3.32 -18.60
N ARG A 265 18.44 4.22 -18.57
CA ARG A 265 18.56 5.38 -17.67
C ARG A 265 18.58 4.95 -16.18
N PHE A 266 17.81 3.91 -15.85
CA PHE A 266 17.80 3.37 -14.53
C PHE A 266 19.12 2.68 -14.21
N ARG A 267 19.56 1.84 -15.13
CA ARG A 267 20.86 1.21 -15.01
C ARG A 267 21.96 2.21 -14.74
N ASP A 268 21.99 3.29 -15.50
CA ASP A 268 23.06 4.26 -15.35
C ASP A 268 22.95 5.03 -14.04
N ALA A 269 21.72 5.31 -13.56
CA ALA A 269 21.53 5.87 -12.21
C ALA A 269 22.13 4.93 -11.12
N LEU A 270 21.78 3.66 -11.17
CA LEU A 270 22.23 2.74 -10.15
C LEU A 270 23.75 2.49 -10.16
N VAL A 271 24.34 2.48 -11.33
CA VAL A 271 25.78 2.40 -11.44
C VAL A 271 26.40 3.58 -10.67
N GLU A 272 25.87 4.75 -10.91
CA GLU A 272 26.40 5.94 -10.27
C GLU A 272 26.22 5.90 -8.76
N ILE A 273 25.06 5.43 -8.32
CA ILE A 273 24.77 5.38 -6.90
C ILE A 273 25.66 4.30 -6.27
N ALA A 274 25.75 3.14 -6.92
CA ALA A 274 26.54 2.03 -6.34
C ALA A 274 28.05 2.37 -6.29
N GLU A 275 28.56 3.04 -7.31
CA GLU A 275 29.98 3.41 -7.35
C GLU A 275 30.35 4.56 -6.36
N HIS A 276 29.32 5.25 -5.83
CA HIS A 276 29.51 6.24 -4.73
CA HIS A 276 29.58 6.22 -4.75
C HIS A 276 29.63 5.49 -3.41
N GLY A 277 29.37 4.19 -3.40
CA GLY A 277 29.46 3.46 -2.15
C GLY A 277 28.13 3.19 -1.48
N ASP A 278 27.02 3.70 -2.03
CA ASP A 278 25.73 3.52 -1.34
C ASP A 278 25.22 2.09 -1.47
N TRP A 279 24.53 1.61 -0.47
CA TRP A 279 23.91 0.31 -0.53
C TRP A 279 22.56 0.46 -1.23
N ALA A 280 22.21 -0.52 -2.07
CA ALA A 280 20.97 -0.46 -2.83
C ALA A 280 20.33 -1.81 -3.01
N LYS A 281 19.01 -1.84 -2.96
CA LYS A 281 18.29 -3.04 -3.15
C LYS A 281 16.94 -2.78 -3.81
N THR A 282 16.62 -3.58 -4.81
CA THR A 282 15.33 -3.43 -5.48
C THR A 282 14.34 -4.35 -4.74
N LEU A 283 13.28 -3.76 -4.21
CA LEU A 283 12.24 -4.48 -3.40
C LEU A 283 11.08 -4.95 -4.24
N ALA A 284 10.81 -4.32 -5.41
CA ALA A 284 9.66 -4.70 -6.25
C ALA A 284 9.82 -4.17 -7.68
N VAL A 285 9.35 -4.93 -8.67
CA VAL A 285 9.25 -4.51 -10.07
C VAL A 285 7.94 -5.06 -10.60
N TYR A 286 7.06 -4.20 -11.04
CA TYR A 286 5.75 -4.66 -11.44
C TYR A 286 5.11 -3.74 -12.50
N PRO A 287 4.08 -4.24 -13.18
CA PRO A 287 3.59 -3.44 -14.31
C PRO A 287 3.14 -2.04 -13.92
N ARG A 288 3.38 -1.05 -14.76
CA ARG A 288 3.10 0.31 -14.36
CA ARG A 288 3.10 0.36 -14.46
C ARG A 288 1.61 0.57 -14.34
N ARG A 289 1.16 1.05 -13.20
CA ARG A 289 -0.24 1.38 -13.01
C ARG A 289 -0.46 2.74 -13.69
N GLU A 290 -1.66 3.01 -14.16
CA GLU A 290 -1.88 4.29 -14.85
C GLU A 290 -2.30 5.32 -13.76
N HIS A 291 -1.47 6.35 -13.55
CA HIS A 291 -1.73 7.36 -12.46
C HIS A 291 -2.66 8.42 -13.06
N PRO A 292 -3.80 8.66 -12.43
CA PRO A 292 -4.43 9.98 -12.64
C PRO A 292 -3.40 11.13 -12.54
N ASN A 293 -3.45 12.06 -13.48
CA ASN A 293 -2.53 13.18 -13.48
CA ASN A 293 -2.54 13.21 -13.49
C ASN A 293 -3.33 14.48 -13.48
N PRO A 294 -4.05 14.74 -12.37
CA PRO A 294 -4.79 15.98 -12.34
C PRO A 294 -3.81 17.13 -12.51
N PRO A 295 -4.13 18.11 -13.38
CA PRO A 295 -3.22 19.18 -13.67
C PRO A 295 -3.07 20.12 -12.47
N VAL A 296 -1.89 20.73 -12.36
CA VAL A 296 -1.50 21.52 -11.19
C VAL A 296 -2.48 22.66 -10.97
N THR A 297 -2.83 23.35 -12.05
CA THR A 297 -3.80 24.45 -11.96
C THR A 297 -5.13 23.99 -11.36
N SER A 298 -5.40 22.68 -11.30
CA SER A 298 -6.59 22.18 -10.62
C SER A 298 -6.33 21.65 -9.20
N TRP A 299 -5.09 21.74 -8.71
CA TRP A 299 -4.79 21.19 -7.39
C TRP A 299 -5.41 22.03 -6.28
N LEU A 301 -5.31 23.24 -2.67
CA LEU A 301 -4.24 23.33 -1.71
C LEU A 301 -4.81 23.35 -0.30
N PRO A 302 -3.99 22.95 0.71
CA PRO A 302 -4.50 22.92 2.08
C PRO A 302 -4.67 24.36 2.60
N GLN A 303 -5.42 24.52 3.70
CA GLN A 303 -5.64 25.82 4.32
C GLN A 303 -4.33 26.55 4.71
N GLY A 304 -4.35 27.86 4.59
CA GLY A 304 -3.22 28.72 5.00
C GLY A 304 -2.01 28.55 4.12
N GLY A 305 -0.82 28.64 4.70
CA GLY A 305 0.40 28.46 3.96
C GLY A 305 0.73 29.74 3.24
N VAL A 306 1.90 29.80 2.66
CA VAL A 306 2.35 30.92 1.84
C VAL A 306 2.46 30.42 0.39
N ARG A 307 1.89 31.20 -0.55
CA ARG A 307 2.04 30.94 -1.98
C ARG A 307 2.09 32.31 -2.64
N LEU A 308 3.20 32.59 -3.32
CA LEU A 308 3.45 33.77 -4.08
C LEU A 308 3.24 33.55 -5.58
N ASP A 309 2.84 34.61 -6.28
CA ASP A 309 2.84 34.61 -7.76
C ASP A 309 4.28 34.76 -8.25
N ASP A 310 4.87 33.68 -8.79
CA ASP A 310 6.32 33.65 -9.04
C ASP A 310 6.77 34.64 -10.12
N SER A 311 5.89 34.94 -11.08
CA SER A 311 6.19 35.87 -12.19
C SER A 311 5.87 37.33 -11.89
N HIS A 312 5.09 37.60 -10.82
CA HIS A 312 4.90 38.96 -10.32
CA HIS A 312 4.92 38.97 -10.31
C HIS A 312 4.86 38.94 -8.78
N LEU A 313 6.04 38.93 -8.16
CA LEU A 313 6.12 38.79 -6.69
C LEU A 313 5.56 40.02 -5.98
N PRO A 314 4.89 39.82 -4.83
CA PRO A 314 4.54 40.99 -3.98
C PRO A 314 5.76 41.67 -3.35
N ASP A 315 5.61 42.94 -2.98
CA ASP A 315 6.69 43.77 -2.43
C ASP A 315 6.69 43.63 -0.89
N ASP A 316 7.88 43.45 -0.29
CA ASP A 316 8.00 43.31 1.18
C ASP A 316 7.18 42.09 1.72
N TRP A 317 6.96 41.10 0.85
CA TRP A 317 6.14 39.95 1.24
C TRP A 317 6.70 39.23 2.47
N GLN A 318 8.01 39.29 2.69
CA GLN A 318 8.60 38.58 3.83
C GLN A 318 8.18 39.10 5.20
N ASN A 319 7.59 40.30 5.26
CA ASN A 319 7.17 40.84 6.53
C ASN A 319 5.68 40.89 6.74
N ASP A 320 4.90 40.31 5.83
CA ASP A 320 3.43 40.27 6.00
CA ASP A 320 3.45 40.32 6.01
C ASP A 320 3.12 39.43 7.23
N GLU A 321 2.16 39.86 8.04
CA GLU A 321 1.80 39.21 9.30
C GLU A 321 1.34 37.79 9.06
N THR A 322 0.58 37.59 7.99
CA THR A 322 0.12 36.24 7.66
C THR A 322 1.26 35.27 7.24
N VAL A 323 2.22 35.76 6.49
CA VAL A 323 3.42 35.05 6.16
C VAL A 323 4.19 34.67 7.42
N ARG A 324 4.34 35.64 8.32
CA ARG A 324 5.10 35.40 9.55
CA ARG A 324 5.07 35.45 9.57
C ARG A 324 4.46 34.26 10.34
N ARG A 325 3.13 34.22 10.36
CA ARG A 325 2.35 33.21 11.12
C ARG A 325 2.45 31.83 10.52
N GLU A 326 2.34 31.73 9.20
CA GLU A 326 2.36 30.46 8.52
C GLU A 326 3.74 29.82 8.47
N LEU A 327 4.78 30.64 8.43
CA LEU A 327 6.14 30.10 8.41
C LEU A 327 6.81 30.15 9.78
N TRP A 329 8.52 32.58 11.42
CA TRP A 329 9.83 33.15 11.43
C TRP A 329 9.77 34.58 11.94
#